data_4ZEX
#
_entry.id   4ZEX
#
_cell.length_a   77.600
_cell.length_b   44.600
_cell.length_c   84.100
_cell.angle_alpha   90.00
_cell.angle_beta   101.30
_cell.angle_gamma   90.00
#
_symmetry.space_group_name_H-M   'P 1 21 1'
#
loop_
_entity.id
_entity.type
_entity.pdbx_description
1 polymer PfHAD1
2 non-polymer 'MAGNESIUM ION'
3 non-polymer GLYCERALDEHYDE-3-PHOSPHATE
4 non-polymer 'PHOSPHATE ION'
5 water water
#
_entity_poly.entity_id   1
_entity_poly.type   'polypeptide(L)'
_entity_poly.pdbx_seq_one_letter_code
;MAHHHHHHMHEIVDKNGKKVQKNNLNDEIKIIFTALDGTLLNSENKVSEQNLESLIRAQEKGIKVVIATGRSIFSVENVI
GEHVKKNRISLLPGIYMNGCVTFDEKGSRVIDRIMNNDLKMEIHEFSKQINISKYAIWFCLEKTYCFEINDCIREYMEVE
ALNPDVIEDNMLEGLTVYKVLFSLPENILENTLKLCREKFSHRINVANTFQSYVELFHQHTNKFEGVKEICKYYNISLNN
ALAMGDGENDIEMLSGLTHSVGVHNASEKVKNSAAYVGPSNNEHAISHVLKTFCDI
;
_entity_poly.pdbx_strand_id   A,B
#
# COMPACT_ATOMS: atom_id res chain seq x y z
N HIS A 7 -9.41 -23.61 11.12
CA HIS A 7 -8.38 -23.02 12.02
C HIS A 7 -8.86 -21.75 12.70
N HIS A 8 -8.13 -21.34 13.74
CA HIS A 8 -8.47 -20.18 14.57
C HIS A 8 -7.65 -18.95 14.19
N MET A 9 -7.06 -19.00 13.00
CA MET A 9 -6.06 -18.03 12.59
C MET A 9 -6.68 -16.66 12.31
N HIS A 10 -7.98 -16.64 12.06
CA HIS A 10 -8.64 -15.45 11.56
C HIS A 10 -9.92 -15.08 12.31
N GLU A 11 -10.12 -15.66 13.50
CA GLU A 11 -11.34 -15.42 14.29
C GLU A 11 -11.19 -14.32 15.36
N ILE A 12 -12.34 -13.78 15.79
CA ILE A 12 -12.45 -12.84 16.89
C ILE A 12 -13.41 -13.41 17.93
N VAL A 13 -12.94 -13.53 19.18
CA VAL A 13 -13.70 -14.23 20.23
C VAL A 13 -13.81 -13.39 21.50
N ASP A 14 -14.89 -13.59 22.22
CA ASP A 14 -15.11 -12.87 23.48
C ASP A 14 -14.30 -13.57 24.58
N LYS A 15 -14.41 -13.09 25.81
CA LYS A 15 -13.55 -13.60 26.87
C LYS A 15 -13.84 -15.07 27.23
N ASN A 16 -14.95 -15.59 26.75
CA ASN A 16 -15.30 -16.99 26.94
C ASN A 16 -14.84 -17.88 25.77
N GLY A 17 -14.17 -17.28 24.80
CA GLY A 17 -13.70 -18.00 23.64
C GLY A 17 -14.74 -18.20 22.56
N LYS A 18 -15.87 -17.49 22.68
CA LYS A 18 -16.96 -17.61 21.71
C LYS A 18 -16.83 -16.56 20.62
N LYS A 19 -17.04 -16.97 19.38
CA LYS A 19 -16.91 -16.05 18.26
C LYS A 19 -17.91 -14.91 18.37
N VAL A 20 -17.46 -13.72 18.02
CA VAL A 20 -18.38 -12.58 17.99
C VAL A 20 -19.13 -12.64 16.66
N GLN A 21 -20.46 -12.53 16.73
CA GLN A 21 -21.29 -12.55 15.52
C GLN A 21 -21.97 -11.20 15.33
N LYS A 22 -21.95 -10.71 14.10
CA LYS A 22 -22.52 -9.42 13.76
C LYS A 22 -23.97 -9.29 14.26
N ASN A 23 -24.76 -10.34 14.09
CA ASN A 23 -26.19 -10.28 14.42
C ASN A 23 -26.47 -10.18 15.92
N ASN A 24 -25.44 -10.41 16.74
CA ASN A 24 -25.56 -10.24 18.19
C ASN A 24 -25.06 -8.87 18.65
N LEU A 25 -24.43 -8.12 17.76
CA LEU A 25 -24.02 -6.75 18.08
C LEU A 25 -25.21 -5.81 18.04
N ASN A 26 -25.19 -4.78 18.89
CA ASN A 26 -26.23 -3.75 18.93
C ASN A 26 -25.64 -2.35 18.82
N ASP A 27 -24.38 -2.30 18.41
CA ASP A 27 -23.70 -1.03 18.19
C ASP A 27 -23.08 -1.02 16.80
N GLU A 28 -23.45 -0.04 16.00
CA GLU A 28 -22.75 0.21 14.76
C GLU A 28 -21.36 0.72 15.09
N ILE A 29 -20.34 0.19 14.43
CA ILE A 29 -18.98 0.68 14.60
C ILE A 29 -18.70 1.68 13.51
N LYS A 30 -18.58 2.95 13.91
CA LYS A 30 -18.39 4.03 12.95
C LYS A 30 -16.93 4.42 12.78
N ILE A 31 -16.09 3.98 13.71
CA ILE A 31 -14.73 4.43 13.73
C ILE A 31 -13.89 3.39 14.44
N ILE A 32 -12.72 3.14 13.87
CA ILE A 32 -11.75 2.21 14.42
C ILE A 32 -10.47 2.95 14.69
N PHE A 33 -9.94 2.75 15.90
CA PHE A 33 -8.67 3.30 16.32
C PHE A 33 -7.69 2.15 16.43
N THR A 34 -6.57 2.25 15.73
CA THR A 34 -5.62 1.13 15.71
C THR A 34 -4.20 1.56 15.95
N ALA A 35 -3.53 0.79 16.81
CA ALA A 35 -2.09 0.87 16.94
C ALA A 35 -1.44 0.50 15.60
N LEU A 36 -0.23 1.00 15.39
CA LEU A 36 0.43 0.81 14.11
C LEU A 36 1.30 -0.45 14.14
N ASP A 37 2.54 -0.31 14.62
CA ASP A 37 3.40 -1.48 14.80
C ASP A 37 2.76 -2.51 15.70
N GLY A 38 2.83 -3.78 15.30
CA GLY A 38 2.36 -4.84 16.16
C GLY A 38 0.86 -5.08 16.10
N THR A 39 0.14 -4.26 15.35
CA THR A 39 -1.32 -4.39 15.25
C THR A 39 -1.75 -4.30 13.78
N LEU A 40 -1.62 -3.11 13.20
CA LEU A 40 -1.96 -2.94 11.79
C LEU A 40 -0.85 -3.47 10.90
N LEU A 41 0.39 -3.18 11.29
CA LEU A 41 1.54 -3.61 10.52
C LEU A 41 1.94 -5.02 10.93
N ASN A 42 2.30 -5.83 9.93
CA ASN A 42 2.83 -7.16 10.21
C ASN A 42 4.27 -7.05 10.71
N SER A 43 4.92 -8.19 10.93
CA SER A 43 6.29 -8.22 11.45
C SER A 43 7.29 -7.53 10.54
N GLU A 44 6.96 -7.39 9.26
CA GLU A 44 7.83 -6.69 8.31
C GLU A 44 7.52 -5.20 8.21
N ASN A 45 6.71 -4.71 9.15
CA ASN A 45 6.34 -3.29 9.18
C ASN A 45 5.54 -2.87 7.94
N LYS A 46 4.78 -3.79 7.39
CA LYS A 46 3.99 -3.51 6.19
C LYS A 46 2.51 -3.72 6.45
N VAL A 47 1.68 -3.09 5.63
CA VAL A 47 0.25 -3.35 5.65
C VAL A 47 0.00 -4.47 4.66
N SER A 48 -0.51 -5.58 5.16
CA SER A 48 -0.76 -6.75 4.35
C SER A 48 -1.75 -6.38 3.25
N GLU A 49 -1.74 -7.13 2.16
CA GLU A 49 -2.69 -6.87 1.08
C GLU A 49 -4.13 -7.12 1.52
N GLN A 50 -4.36 -8.15 2.34
CA GLN A 50 -5.71 -8.40 2.80
C GLN A 50 -6.21 -7.24 3.63
N ASN A 51 -5.34 -6.69 4.48
CA ASN A 51 -5.70 -5.52 5.27
C ASN A 51 -6.01 -4.34 4.38
N LEU A 52 -5.12 -4.05 3.43
CA LEU A 52 -5.29 -2.91 2.51
C LEU A 52 -6.61 -3.02 1.73
N GLU A 53 -6.96 -4.22 1.32
CA GLU A 53 -8.20 -4.43 0.58
C GLU A 53 -9.43 -4.10 1.43
N SER A 54 -9.34 -4.41 2.72
CA SER A 54 -10.44 -4.15 3.63
CA SER A 54 -10.41 -4.16 3.67
C SER A 54 -10.50 -2.68 4.02
N LEU A 55 -9.35 -2.01 4.05
CA LEU A 55 -9.32 -0.58 4.32
C LEU A 55 -9.95 0.22 3.18
N ILE A 56 -9.80 -0.30 1.97
CA ILE A 56 -10.39 0.36 0.82
C ILE A 56 -11.90 0.28 0.92
N ARG A 57 -12.40 -0.90 1.30
CA ARG A 57 -13.83 -1.10 1.49
C ARG A 57 -14.38 -0.28 2.66
N ALA A 58 -13.57 -0.11 3.71
CA ALA A 58 -14.01 0.65 4.87
C ALA A 58 -14.20 2.12 4.49
N GLN A 59 -13.29 2.63 3.68
CA GLN A 59 -13.42 3.98 3.13
C GLN A 59 -14.67 4.13 2.24
N GLU A 60 -14.91 3.16 1.36
CA GLU A 60 -16.12 3.18 0.52
C GLU A 60 -17.39 3.24 1.37
N LYS A 61 -17.36 2.67 2.57
CA LYS A 61 -18.52 2.61 3.44
C LYS A 61 -18.58 3.76 4.47
N GLY A 62 -17.59 4.64 4.43
CA GLY A 62 -17.51 5.76 5.35
C GLY A 62 -17.07 5.42 6.78
N ILE A 63 -16.48 4.24 6.99
CA ILE A 63 -15.90 3.90 8.28
C ILE A 63 -14.60 4.68 8.42
N LYS A 64 -14.42 5.43 9.51
CA LYS A 64 -13.13 6.10 9.77
C LYS A 64 -12.11 5.17 10.43
N VAL A 65 -10.88 5.22 9.98
CA VAL A 65 -9.80 4.43 10.56
C VAL A 65 -8.73 5.43 11.00
N VAL A 66 -8.46 5.44 12.30
CA VAL A 66 -7.58 6.44 12.90
C VAL A 66 -6.40 5.76 13.56
N ILE A 67 -5.21 6.19 13.17
CA ILE A 67 -3.97 5.73 13.78
C ILE A 67 -3.84 6.26 15.20
N ALA A 68 -3.48 5.38 16.12
CA ALA A 68 -3.16 5.76 17.49
C ALA A 68 -1.86 5.10 17.88
N THR A 69 -0.82 5.91 18.03
CA THR A 69 0.54 5.39 18.08
C THR A 69 1.41 6.22 19.02
N GLY A 70 2.48 5.62 19.50
CA GLY A 70 3.50 6.36 20.23
C GLY A 70 4.35 7.20 19.27
N ARG A 71 4.32 6.84 18.00
CA ARG A 71 5.14 7.50 17.00
C ARG A 71 4.74 8.95 16.77
N SER A 72 5.65 9.74 16.20
CA SER A 72 5.26 11.02 15.61
C SER A 72 4.59 10.76 14.27
N ILE A 73 3.83 11.72 13.80
CA ILE A 73 3.19 11.63 12.49
C ILE A 73 4.24 11.54 11.39
N PHE A 74 5.40 12.13 11.63
CA PHE A 74 6.46 12.13 10.62
C PHE A 74 7.00 10.73 10.37
N SER A 75 7.13 9.92 11.43
CA SER A 75 7.69 8.61 11.25
C SER A 75 6.61 7.68 10.69
N VAL A 76 5.35 7.96 11.00
CA VAL A 76 4.26 7.20 10.43
C VAL A 76 4.25 7.41 8.92
N GLU A 77 4.43 8.65 8.49
CA GLU A 77 4.38 8.96 7.07
C GLU A 77 5.52 8.24 6.33
N ASN A 78 6.67 8.11 6.99
CA ASN A 78 7.78 7.38 6.39
C ASN A 78 7.53 5.86 6.29
N VAL A 79 6.70 5.32 7.16
CA VAL A 79 6.47 3.87 7.17
C VAL A 79 5.32 3.47 6.25
N ILE A 80 4.27 4.27 6.16
CA ILE A 80 3.07 3.95 5.36
C ILE A 80 2.72 5.06 4.37
N GLY A 81 3.72 5.85 4.00
CA GLY A 81 3.50 6.98 3.10
C GLY A 81 2.82 6.63 1.79
N GLU A 82 3.10 5.44 1.24
CA GLU A 82 2.53 5.08 -0.05
C GLU A 82 1.00 4.96 0.05
N HIS A 83 0.53 4.52 1.21
CA HIS A 83 -0.90 4.40 1.44
C HIS A 83 -1.49 5.76 1.72
N VAL A 84 -0.72 6.61 2.39
CA VAL A 84 -1.18 7.97 2.66
C VAL A 84 -1.32 8.77 1.35
N LYS A 85 -0.32 8.67 0.49
CA LYS A 85 -0.34 9.38 -0.79
C LYS A 85 -1.57 9.01 -1.64
N LYS A 86 -1.99 7.74 -1.59
CA LYS A 86 -3.19 7.28 -2.30
C LYS A 86 -4.47 7.50 -1.50
N ASN A 87 -4.39 8.25 -0.41
CA ASN A 87 -5.54 8.56 0.41
C ASN A 87 -6.25 7.31 0.89
N ARG A 88 -5.49 6.25 1.11
CA ARG A 88 -6.05 4.99 1.59
C ARG A 88 -5.98 4.87 3.12
N ILE A 89 -5.03 5.58 3.71
CA ILE A 89 -4.96 5.74 5.17
C ILE A 89 -4.79 7.23 5.45
N SER A 90 -5.64 7.79 6.30
CA SER A 90 -5.52 9.20 6.67
C SER A 90 -4.72 9.34 7.96
N LEU A 91 -3.84 10.34 7.99
CA LEU A 91 -3.04 10.65 9.17
C LEU A 91 -3.69 11.71 10.03
N LEU A 92 -4.61 12.46 9.41
CA LEU A 92 -5.41 13.49 10.07
C LEU A 92 -6.88 13.14 9.94
N PRO A 93 -7.60 12.98 11.06
CA PRO A 93 -7.14 13.04 12.45
C PRO A 93 -6.22 11.88 12.79
N GLY A 94 -5.44 12.05 13.85
CA GLY A 94 -4.52 11.04 14.30
C GLY A 94 -4.07 11.31 15.71
N ILE A 95 -3.75 10.23 16.39
CA ILE A 95 -3.32 10.21 17.78
C ILE A 95 -1.85 9.79 17.79
N TYR A 96 -0.97 10.74 18.09
CA TYR A 96 0.47 10.52 18.05
C TYR A 96 1.09 10.76 19.42
N MET A 97 2.30 10.22 19.61
CA MET A 97 3.02 10.32 20.87
C MET A 97 2.13 9.93 22.05
N ASN A 98 1.40 8.84 21.87
CA ASN A 98 0.61 8.23 22.92
C ASN A 98 -0.46 9.16 23.39
N GLY A 99 -0.92 10.01 22.48
CA GLY A 99 -1.96 10.95 22.78
C GLY A 99 -1.46 12.38 22.99
N CYS A 100 -0.18 12.54 23.31
CA CYS A 100 0.36 13.84 23.71
C CYS A 100 0.31 14.84 22.57
N VAL A 101 0.29 14.32 21.35
CA VAL A 101 0.07 15.11 20.15
C VAL A 101 -1.07 14.46 19.38
N THR A 102 -2.28 14.98 19.57
CA THR A 102 -3.45 14.48 18.83
C THR A 102 -3.97 15.57 17.92
N PHE A 103 -4.11 15.23 16.64
CA PHE A 103 -4.55 16.15 15.62
C PHE A 103 -5.97 15.91 15.24
N ASP A 104 -6.72 16.98 15.00
CA ASP A 104 -7.98 16.86 14.26
C ASP A 104 -7.68 16.80 12.75
N GLU A 105 -8.73 16.73 11.95
CA GLU A 105 -8.55 16.58 10.50
C GLU A 105 -7.88 17.80 9.83
N LYS A 106 -7.84 18.93 10.52
CA LYS A 106 -7.19 20.13 10.00
C LYS A 106 -5.73 20.25 10.46
N GLY A 107 -5.25 19.27 11.21
CA GLY A 107 -3.87 19.29 11.68
C GLY A 107 -3.66 20.18 12.88
N SER A 108 -4.76 20.61 13.48
CA SER A 108 -4.68 21.37 14.71
C SER A 108 -4.54 20.39 15.85
N ARG A 109 -3.64 20.69 16.78
CA ARG A 109 -3.44 19.82 17.94
C ARG A 109 -4.58 19.97 18.96
N VAL A 110 -5.50 19.00 19.01
CA VAL A 110 -6.57 19.00 20.00
C VAL A 110 -6.04 18.50 21.35
N ILE A 111 -4.89 17.84 21.33
CA ILE A 111 -4.15 17.52 22.54
C ILE A 111 -2.70 17.87 22.28
N ASP A 112 -2.13 18.64 23.20
CA ASP A 112 -0.76 19.11 23.11
C ASP A 112 -0.18 19.08 24.52
N ARG A 113 0.42 17.96 24.87
CA ARG A 113 0.84 17.72 26.24
C ARG A 113 2.36 17.66 26.33
N ILE A 114 2.97 18.84 26.43
CA ILE A 114 4.41 18.94 26.55
C ILE A 114 4.84 18.51 27.93
N MET A 115 6.06 18.01 28.01
CA MET A 115 6.62 17.60 29.27
C MET A 115 7.21 18.82 30.01
N ASN A 116 6.87 18.94 31.28
CA ASN A 116 7.44 19.97 32.13
C ASN A 116 8.96 19.89 32.07
N ASN A 117 9.61 21.05 31.99
CA ASN A 117 11.04 21.10 31.75
C ASN A 117 11.88 20.65 32.93
N ASP A 118 11.40 20.91 34.15
CA ASP A 118 12.09 20.40 35.33
C ASP A 118 12.07 18.87 35.31
N LEU A 119 10.92 18.29 35.01
CA LEU A 119 10.79 16.84 34.93
C LEU A 119 11.65 16.25 33.79
N LYS A 120 11.69 16.96 32.66
CA LYS A 120 12.56 16.58 31.54
C LYS A 120 14.01 16.43 32.01
N MET A 121 14.52 17.46 32.67
CA MET A 121 15.91 17.46 33.12
C MET A 121 16.17 16.44 34.21
N GLU A 122 15.18 16.18 35.05
CA GLU A 122 15.31 15.15 36.09
C GLU A 122 15.36 13.77 35.48
N ILE A 123 14.50 13.51 34.49
CA ILE A 123 14.57 12.26 33.76
C ILE A 123 15.91 12.15 33.07
N HIS A 124 16.37 13.25 32.48
CA HIS A 124 17.65 13.24 31.77
C HIS A 124 18.80 12.86 32.67
N GLU A 125 18.89 13.54 33.80
CA GLU A 125 19.96 13.30 34.77
C GLU A 125 19.86 11.90 35.34
N PHE A 126 18.64 11.44 35.63
CA PHE A 126 18.46 10.08 36.10
C PHE A 126 18.98 9.08 35.06
N SER A 127 18.63 9.28 33.79
CA SER A 127 19.07 8.37 32.73
C SER A 127 20.60 8.35 32.58
N LYS A 128 21.25 9.48 32.81
CA LYS A 128 22.71 9.52 32.79
C LYS A 128 23.26 8.78 33.99
N GLN A 129 22.61 8.94 35.14
CA GLN A 129 23.04 8.26 36.35
C GLN A 129 23.00 6.75 36.18
N ILE A 130 21.90 6.22 35.62
CA ILE A 130 21.81 4.76 35.46
C ILE A 130 22.29 4.30 34.07
N ASN A 131 22.91 5.22 33.33
CA ASN A 131 23.55 4.93 32.05
C ASN A 131 22.62 4.40 30.95
N ILE A 132 21.42 4.98 30.82
CA ILE A 132 20.57 4.66 29.68
C ILE A 132 20.34 5.90 28.81
N SER A 133 21.03 6.97 29.15
CA SER A 133 20.98 8.20 28.36
C SER A 133 21.41 7.92 26.92
N LYS A 134 22.37 7.01 26.77
CA LYS A 134 22.88 6.61 25.46
C LYS A 134 21.84 5.88 24.62
N TYR A 135 20.78 5.40 25.27
CA TYR A 135 19.69 4.72 24.60
C TYR A 135 18.47 5.63 24.39
N ALA A 136 18.62 6.89 24.77
CA ALA A 136 17.51 7.84 24.73
C ALA A 136 17.29 8.45 23.36
N ILE A 137 16.01 8.51 22.98
CA ILE A 137 15.55 9.32 21.88
C ILE A 137 14.49 10.30 22.39
N TRP A 138 14.83 11.58 22.38
CA TRP A 138 13.94 12.63 22.87
C TRP A 138 13.13 13.20 21.71
N PHE A 139 11.82 13.39 21.98
CA PHE A 139 10.84 13.80 20.99
C PHE A 139 10.37 15.23 21.17
N CYS A 140 10.77 16.10 20.24
CA CYS A 140 10.18 17.40 20.10
C CYS A 140 8.99 17.27 19.15
N LEU A 141 8.26 18.36 18.95
CA LEU A 141 7.06 18.29 18.11
C LEU A 141 7.40 17.82 16.68
N GLU A 142 8.52 18.28 16.14
CA GLU A 142 8.83 18.11 14.71
C GLU A 142 10.11 17.30 14.45
N LYS A 143 10.88 17.01 15.49
CA LYS A 143 12.15 16.30 15.34
C LYS A 143 12.45 15.44 16.57
N THR A 144 13.32 14.45 16.38
CA THR A 144 13.77 13.62 17.48
C THR A 144 15.27 13.76 17.61
N TYR A 145 15.77 13.52 18.83
CA TYR A 145 17.18 13.71 19.15
C TYR A 145 17.75 12.56 19.96
N CYS A 146 19.04 12.29 19.76
CA CYS A 146 19.74 11.32 20.57
C CYS A 146 21.12 11.87 20.84
N PHE A 147 21.89 11.19 21.70
CA PHE A 147 23.14 11.75 22.16
C PHE A 147 24.31 10.96 21.60
N GLU A 148 24.00 9.78 21.09
CA GLU A 148 24.99 8.93 20.46
C GLU A 148 24.32 7.83 19.65
N ILE A 149 25.10 7.15 18.83
CA ILE A 149 24.60 6.06 18.02
C ILE A 149 25.30 4.77 18.44
N ASN A 150 24.49 3.77 18.75
CA ASN A 150 24.98 2.44 19.07
C ASN A 150 24.01 1.45 18.46
N ASP A 151 24.24 0.16 18.66
CA ASP A 151 23.42 -0.86 18.01
C ASP A 151 21.95 -0.73 18.41
N CYS A 152 21.69 -0.29 19.63
CA CYS A 152 20.31 -0.14 20.09
C CYS A 152 19.66 1.09 19.44
N ILE A 153 20.41 2.17 19.31
CA ILE A 153 19.91 3.33 18.56
C ILE A 153 19.71 2.93 17.09
N ARG A 154 20.68 2.22 16.54
CA ARG A 154 20.58 1.67 15.20
C ARG A 154 19.30 0.86 15.00
N GLU A 155 19.03 -0.07 15.90
CA GLU A 155 17.85 -0.92 15.81
C GLU A 155 16.58 -0.08 15.79
N TYR A 156 16.55 0.98 16.61
CA TYR A 156 15.42 1.91 16.66
C TYR A 156 15.21 2.66 15.34
N MET A 157 16.30 3.12 14.75
CA MET A 157 16.23 3.85 13.48
C MET A 157 15.64 2.98 12.37
N GLU A 158 16.04 1.71 12.35
CA GLU A 158 15.64 0.79 11.28
C GLU A 158 14.14 0.58 11.29
N VAL A 159 13.58 0.39 12.48
CA VAL A 159 12.15 0.15 12.61
C VAL A 159 11.38 1.46 12.52
N GLU A 160 11.87 2.48 13.21
CA GLU A 160 11.15 3.75 13.23
C GLU A 160 11.12 4.38 11.83
N ALA A 161 12.22 4.17 11.10
CA ALA A 161 12.40 4.70 9.74
C ALA A 161 12.44 6.22 9.74
N LEU A 162 12.89 6.81 10.83
CA LEU A 162 13.18 8.25 10.89
C LEU A 162 14.30 8.53 11.91
N ASN A 163 15.40 9.09 11.43
CA ASN A 163 16.63 9.18 12.22
C ASN A 163 16.66 10.39 13.15
N PRO A 164 17.00 10.18 14.44
CA PRO A 164 17.18 11.35 15.31
C PRO A 164 18.43 12.12 14.93
N ASP A 165 18.41 13.43 15.10
CA ASP A 165 19.64 14.19 15.01
C ASP A 165 20.50 13.91 16.25
N VAL A 166 21.80 13.81 16.07
CA VAL A 166 22.73 13.62 17.18
C VAL A 166 23.10 15.00 17.72
N ILE A 167 22.87 15.20 19.02
CA ILE A 167 23.15 16.48 19.69
C ILE A 167 23.93 16.26 20.98
N GLU A 168 24.55 17.32 21.46
CA GLU A 168 25.28 17.27 22.71
C GLU A 168 24.30 17.29 23.87
N ASP A 169 24.76 16.78 25.02
CA ASP A 169 23.97 16.65 26.24
C ASP A 169 23.32 17.95 26.73
N ASN A 170 24.08 19.05 26.66
CA ASN A 170 23.65 20.34 27.19
C ASN A 170 22.60 21.05 26.33
N MET A 171 22.31 20.48 25.17
CA MET A 171 21.31 21.06 24.27
C MET A 171 19.88 20.68 24.70
N LEU A 172 19.75 19.69 25.56
CA LEU A 172 18.41 19.16 25.89
C LEU A 172 17.59 20.20 26.63
N GLU A 173 18.27 21.00 27.45
CA GLU A 173 17.59 21.98 28.28
C GLU A 173 16.80 22.99 27.44
N GLY A 174 17.29 23.28 26.24
CA GLY A 174 16.63 24.21 25.35
C GLY A 174 15.49 23.63 24.53
N LEU A 175 15.32 22.32 24.57
CA LEU A 175 14.30 21.67 23.76
C LEU A 175 12.98 21.56 24.52
N THR A 176 11.90 21.79 23.80
CA THR A 176 10.57 21.51 24.28
C THR A 176 10.18 20.11 23.81
N VAL A 177 9.99 19.20 24.76
CA VAL A 177 9.78 17.78 24.43
C VAL A 177 8.42 17.27 24.88
N TYR A 178 7.98 16.16 24.26
CA TYR A 178 6.72 15.49 24.60
C TYR A 178 6.93 14.11 25.21
N LYS A 179 8.00 13.44 24.82
CA LYS A 179 8.32 12.14 25.39
C LYS A 179 9.79 11.79 25.20
N VAL A 180 10.21 10.76 25.91
CA VAL A 180 11.49 10.11 25.65
C VAL A 180 11.24 8.63 25.52
N LEU A 181 11.95 8.05 24.58
CA LEU A 181 11.90 6.64 24.28
C LEU A 181 13.29 6.12 24.48
N PHE A 182 13.41 5.08 25.30
CA PHE A 182 14.68 4.40 25.52
C PHE A 182 14.65 3.11 24.74
N SER A 183 15.58 3.00 23.79
CA SER A 183 15.76 1.75 23.04
C SER A 183 16.79 0.92 23.76
N LEU A 184 16.32 0.01 24.60
CA LEU A 184 17.19 -0.63 25.59
C LEU A 184 17.68 -1.98 25.08
N PRO A 185 18.88 -2.38 25.50
CA PRO A 185 19.26 -3.79 25.32
C PRO A 185 18.25 -4.69 26.04
N GLU A 186 18.01 -5.90 25.51
CA GLU A 186 17.02 -6.77 26.13
C GLU A 186 17.42 -7.13 27.57
N ASN A 187 18.73 -7.21 27.82
CA ASN A 187 19.25 -7.70 29.07
C ASN A 187 19.10 -6.74 30.25
N ILE A 188 18.62 -5.53 30.02
CA ILE A 188 18.40 -4.58 31.12
C ILE A 188 17.01 -3.98 31.09
N LEU A 189 16.17 -4.42 30.16
CA LEU A 189 14.78 -3.99 30.09
C LEU A 189 14.05 -4.11 31.44
N GLU A 190 13.99 -5.33 31.99
CA GLU A 190 13.15 -5.60 33.13
C GLU A 190 13.55 -4.77 34.34
N ASN A 191 14.86 -4.66 34.57
CA ASN A 191 15.37 -3.88 35.67
C ASN A 191 15.13 -2.38 35.46
N THR A 192 15.52 -1.88 34.29
CA THR A 192 15.38 -0.45 33.98
C THR A 192 13.94 -0.01 34.11
N LEU A 193 13.02 -0.86 33.66
CA LEU A 193 11.60 -0.57 33.79
C LEU A 193 11.17 -0.42 35.27
N LYS A 194 11.68 -1.28 36.15
CA LYS A 194 11.43 -1.17 37.59
C LYS A 194 11.99 0.14 38.19
N LEU A 195 13.19 0.51 37.76
CA LEU A 195 13.80 1.74 38.25
C LEU A 195 12.96 2.97 37.89
N CYS A 196 12.56 3.05 36.62
CA CYS A 196 11.82 4.20 36.11
C CYS A 196 10.45 4.33 36.73
N ARG A 197 9.81 3.19 36.98
CA ARG A 197 8.48 3.16 37.55
C ARG A 197 8.54 3.52 39.03
N GLU A 198 9.58 3.08 39.72
CA GLU A 198 9.72 3.40 41.14
C GLU A 198 10.11 4.86 41.31
N LYS A 199 10.97 5.35 40.42
CA LYS A 199 11.48 6.70 40.50
C LYS A 199 10.43 7.72 40.08
N PHE A 200 9.60 7.40 39.11
CA PHE A 200 8.71 8.41 38.56
C PHE A 200 7.22 8.05 38.64
N SER A 201 6.82 7.27 39.65
CA SER A 201 5.38 7.01 39.84
C SER A 201 4.68 8.33 40.20
N HIS A 202 3.48 8.51 39.66
CA HIS A 202 2.73 9.76 39.81
C HIS A 202 3.51 10.99 39.31
N ARG A 203 4.46 10.77 38.41
CA ARG A 203 5.14 11.88 37.76
C ARG A 203 5.03 11.78 36.24
N ILE A 204 5.15 10.57 35.71
CA ILE A 204 5.20 10.34 34.27
C ILE A 204 4.65 8.94 33.95
N ASN A 205 4.03 8.79 32.79
CA ASN A 205 3.69 7.45 32.29
C ASN A 205 4.97 6.73 31.88
N VAL A 206 5.05 5.44 32.21
CA VAL A 206 6.15 4.59 31.82
C VAL A 206 5.54 3.36 31.16
N ALA A 207 5.83 3.15 29.89
CA ALA A 207 5.24 2.05 29.14
C ALA A 207 6.30 1.29 28.35
N ASN A 208 6.27 -0.03 28.47
CA ASN A 208 7.02 -0.92 27.61
C ASN A 208 6.15 -1.22 26.38
N THR A 209 6.40 -0.49 25.30
CA THR A 209 5.45 -0.38 24.20
C THR A 209 5.66 -1.40 23.07
N PHE A 210 6.87 -1.94 22.97
CA PHE A 210 7.28 -2.66 21.77
C PHE A 210 8.67 -3.18 22.02
N GLN A 211 8.81 -4.49 22.02
CA GLN A 211 10.11 -5.10 22.25
C GLN A 211 10.71 -4.56 23.55
N SER A 212 11.89 -3.94 23.46
CA SER A 212 12.58 -3.38 24.63
C SER A 212 12.53 -1.85 24.65
N TYR A 213 11.53 -1.28 23.98
CA TYR A 213 11.31 0.16 24.03
C TYR A 213 10.66 0.53 25.36
N VAL A 214 11.19 1.55 26.01
CA VAL A 214 10.53 2.13 27.17
C VAL A 214 10.24 3.62 26.91
N GLU A 215 8.96 3.96 26.94
CA GLU A 215 8.52 5.31 26.64
C GLU A 215 7.99 6.02 27.88
N LEU A 216 8.42 7.28 28.06
CA LEU A 216 7.96 8.14 29.15
C LEU A 216 7.25 9.36 28.58
N PHE A 217 6.02 9.60 29.00
CA PHE A 217 5.23 10.72 28.47
C PHE A 217 4.20 11.19 29.50
N HIS A 218 3.60 12.33 29.24
CA HIS A 218 2.70 13.02 30.17
C HIS A 218 1.81 12.06 30.92
N GLN A 219 1.87 12.12 32.25
CA GLN A 219 1.22 11.16 33.15
CA GLN A 219 1.24 11.07 33.05
C GLN A 219 -0.29 11.08 32.99
N HIS A 220 -0.90 12.18 32.60
CA HIS A 220 -2.36 12.23 32.52
C HIS A 220 -2.80 12.12 31.07
N THR A 221 -1.91 11.65 30.21
CA THR A 221 -2.26 11.50 28.81
C THR A 221 -2.00 10.07 28.42
N ASN A 222 -2.84 9.59 27.49
CA ASN A 222 -2.68 8.29 26.88
C ASN A 222 -3.48 8.26 25.57
N LYS A 223 -3.37 7.17 24.82
CA LYS A 223 -4.10 7.06 23.55
C LYS A 223 -5.60 7.25 23.73
N PHE A 224 -6.14 6.83 24.86
CA PHE A 224 -7.58 6.90 25.06
C PHE A 224 -8.08 8.34 25.19
N GLU A 225 -7.27 9.22 25.79
CA GLU A 225 -7.59 10.66 25.78
C GLU A 225 -7.70 11.18 24.35
N GLY A 226 -6.84 10.73 23.46
CA GLY A 226 -6.97 11.10 22.04
C GLY A 226 -8.23 10.54 21.43
N VAL A 227 -8.55 9.29 21.78
CA VAL A 227 -9.76 8.62 21.28
C VAL A 227 -10.99 9.42 21.60
N LYS A 228 -11.11 9.84 22.85
CA LYS A 228 -12.23 10.64 23.32
C LYS A 228 -12.36 11.96 22.56
N GLU A 229 -11.23 12.60 22.29
CA GLU A 229 -11.26 13.89 21.58
C GLU A 229 -11.74 13.75 20.14
N ILE A 230 -11.23 12.73 19.44
CA ILE A 230 -11.63 12.50 18.05
C ILE A 230 -13.06 12.02 17.95
N CYS A 231 -13.50 11.12 18.83
CA CYS A 231 -14.90 10.72 18.84
C CYS A 231 -15.79 11.94 19.07
N LYS A 232 -15.34 12.81 19.97
CA LYS A 232 -16.09 14.02 20.27
C LYS A 232 -16.21 14.91 19.02
N TYR A 233 -15.12 15.05 18.29
CA TYR A 233 -15.10 15.87 17.09
C TYR A 233 -16.20 15.48 16.10
N TYR A 234 -16.38 14.18 15.89
CA TYR A 234 -17.34 13.70 14.90
C TYR A 234 -18.69 13.31 15.49
N ASN A 235 -18.94 13.74 16.73
CA ASN A 235 -20.21 13.42 17.40
C ASN A 235 -20.50 11.93 17.41
N ILE A 236 -19.46 11.13 17.62
CA ILE A 236 -19.58 9.67 17.69
C ILE A 236 -19.51 9.24 19.16
N SER A 237 -20.57 8.57 19.62
CA SER A 237 -20.53 7.97 20.94
C SER A 237 -19.39 6.97 21.02
N LEU A 238 -18.78 6.84 22.21
CA LEU A 238 -17.72 5.85 22.42
C LEU A 238 -18.26 4.45 22.14
N ASN A 239 -19.55 4.23 22.35
CA ASN A 239 -20.17 2.93 22.08
C ASN A 239 -20.18 2.55 20.58
N ASN A 240 -19.89 3.52 19.72
CA ASN A 240 -19.78 3.24 18.28
C ASN A 240 -18.34 3.31 17.80
N ALA A 241 -17.41 3.24 18.75
CA ALA A 241 -15.98 3.22 18.43
C ALA A 241 -15.42 1.85 18.78
N LEU A 242 -14.31 1.50 18.13
CA LEU A 242 -13.62 0.25 18.41
C LEU A 242 -12.13 0.54 18.40
N ALA A 243 -11.40 -0.05 19.34
CA ALA A 243 -9.96 0.15 19.43
C ALA A 243 -9.29 -1.19 19.29
N MET A 244 -8.17 -1.22 18.58
CA MET A 244 -7.38 -2.43 18.56
C MET A 244 -5.90 -2.13 18.76
N GLY A 245 -5.24 -3.07 19.44
CA GLY A 245 -3.88 -2.85 19.86
C GLY A 245 -3.20 -4.11 20.38
N ASP A 246 -1.94 -3.92 20.76
CA ASP A 246 -1.08 -5.03 21.11
C ASP A 246 -0.16 -4.74 22.30
N GLY A 247 0.01 -3.46 22.63
CA GLY A 247 1.01 -3.03 23.60
C GLY A 247 0.46 -2.34 24.83
N GLU A 248 1.36 -2.11 25.77
CA GLU A 248 1.05 -1.49 27.06
C GLU A 248 0.45 -0.11 26.89
N ASN A 249 0.88 0.61 25.85
CA ASN A 249 0.36 1.93 25.58
C ASN A 249 -1.02 1.90 24.89
N ASP A 250 -1.57 0.70 24.71
CA ASP A 250 -2.92 0.54 24.21
C ASP A 250 -3.94 0.17 25.29
N ILE A 251 -3.45 -0.12 26.50
CA ILE A 251 -4.32 -0.66 27.56
C ILE A 251 -5.49 0.27 27.90
N GLU A 252 -5.21 1.56 28.03
CA GLU A 252 -6.28 2.50 28.39
C GLU A 252 -7.39 2.58 27.31
N MET A 253 -7.02 2.51 26.04
CA MET A 253 -8.06 2.66 24.99
C MET A 253 -8.81 1.34 24.79
N LEU A 254 -8.15 0.21 25.02
CA LEU A 254 -8.83 -1.07 24.99
C LEU A 254 -9.82 -1.22 26.16
N SER A 255 -9.44 -0.79 27.36
CA SER A 255 -10.33 -0.95 28.52
C SER A 255 -11.37 0.18 28.56
N GLY A 256 -11.08 1.30 27.93
CA GLY A 256 -11.99 2.43 27.97
C GLY A 256 -13.16 2.35 26.99
N LEU A 257 -13.01 1.57 25.93
CA LEU A 257 -14.11 1.34 24.98
C LEU A 257 -14.78 0.01 25.25
N THR A 258 -16.10 -0.05 25.08
CA THR A 258 -16.82 -1.30 25.22
C THR A 258 -16.39 -2.33 24.17
N HIS A 259 -16.10 -1.86 22.96
CA HIS A 259 -15.63 -2.73 21.88
C HIS A 259 -14.17 -2.50 21.62
N SER A 260 -13.36 -3.50 21.95
CA SER A 260 -11.93 -3.43 21.72
C SER A 260 -11.37 -4.81 21.43
N VAL A 261 -10.31 -4.86 20.63
CA VAL A 261 -9.71 -6.12 20.20
C VAL A 261 -8.22 -6.12 20.50
N GLY A 262 -7.80 -7.05 21.34
CA GLY A 262 -6.38 -7.33 21.52
C GLY A 262 -5.96 -8.35 20.49
N VAL A 263 -4.96 -8.01 19.68
CA VAL A 263 -4.44 -8.95 18.71
C VAL A 263 -3.76 -10.12 19.41
N HIS A 264 -3.72 -11.25 18.73
CA HIS A 264 -3.30 -12.50 19.34
C HIS A 264 -1.87 -12.43 19.87
N ASN A 265 -1.01 -11.66 19.21
CA ASN A 265 0.39 -11.55 19.62
C ASN A 265 0.59 -10.67 20.86
N ALA A 266 -0.46 -9.98 21.31
CA ALA A 266 -0.39 -9.16 22.52
C ALA A 266 -0.13 -9.99 23.78
N SER A 267 0.38 -9.35 24.84
CA SER A 267 0.59 -10.03 26.11
C SER A 267 -0.75 -10.32 26.79
N GLU A 268 -0.72 -11.18 27.79
CA GLU A 268 -1.92 -11.53 28.54
C GLU A 268 -2.46 -10.29 29.26
N LYS A 269 -1.58 -9.42 29.72
CA LYS A 269 -2.01 -8.16 30.33
C LYS A 269 -2.81 -7.28 29.37
N VAL A 270 -2.31 -7.17 28.15
CA VAL A 270 -2.97 -6.35 27.15
C VAL A 270 -4.27 -7.01 26.72
N LYS A 271 -4.25 -8.31 26.46
CA LYS A 271 -5.46 -9.05 26.10
C LYS A 271 -6.56 -8.94 27.15
N ASN A 272 -6.17 -8.97 28.43
CA ASN A 272 -7.12 -8.87 29.54
C ASN A 272 -7.86 -7.54 29.55
N SER A 273 -7.18 -6.50 29.09
CA SER A 273 -7.74 -5.16 29.07
C SER A 273 -8.73 -4.99 27.91
N ALA A 274 -8.67 -5.89 26.93
CA ALA A 274 -9.53 -5.82 25.75
C ALA A 274 -10.81 -6.62 25.91
N ALA A 275 -11.84 -6.25 25.15
CA ALA A 275 -13.10 -6.96 25.20
C ALA A 275 -13.00 -8.30 24.47
N TYR A 276 -12.26 -8.30 23.36
CA TYR A 276 -12.17 -9.43 22.47
C TYR A 276 -10.71 -9.70 22.11
N VAL A 277 -10.43 -10.94 21.73
CA VAL A 277 -9.13 -11.29 21.19
C VAL A 277 -9.27 -11.67 19.71
N GLY A 278 -8.47 -11.04 18.86
CA GLY A 278 -8.51 -11.28 17.43
C GLY A 278 -7.24 -11.95 16.91
N PRO A 279 -7.13 -12.03 15.58
CA PRO A 279 -5.94 -12.59 14.93
C PRO A 279 -4.70 -11.78 15.22
N SER A 280 -3.53 -12.35 14.99
CA SER A 280 -2.29 -11.63 15.19
C SER A 280 -2.12 -10.55 14.13
N ASN A 281 -1.10 -9.71 14.33
CA ASN A 281 -0.79 -8.68 13.36
C ASN A 281 -0.30 -9.27 12.04
N ASN A 282 0.08 -10.54 12.04
CA ASN A 282 0.53 -11.18 10.81
C ASN A 282 -0.59 -11.90 10.09
N GLU A 283 -1.81 -11.80 10.65
CA GLU A 283 -2.98 -12.50 10.17
CA GLU A 283 -2.96 -12.48 10.07
C GLU A 283 -4.10 -11.52 9.80
N HIS A 284 -3.74 -10.33 9.34
CA HIS A 284 -4.70 -9.41 8.78
C HIS A 284 -5.79 -9.03 9.77
N ALA A 285 -5.37 -8.59 10.95
CA ALA A 285 -6.29 -8.37 12.06
C ALA A 285 -7.40 -7.38 11.70
N ILE A 286 -7.07 -6.27 11.04
CA ILE A 286 -8.12 -5.27 10.86
C ILE A 286 -9.13 -5.71 9.79
N SER A 287 -8.69 -6.53 8.83
CA SER A 287 -9.62 -7.06 7.82
CA SER A 287 -9.61 -7.06 7.82
C SER A 287 -10.71 -7.88 8.48
N HIS A 288 -10.33 -8.73 9.42
CA HIS A 288 -11.31 -9.54 10.12
C HIS A 288 -12.13 -8.73 11.09
N VAL A 289 -11.53 -7.73 11.72
CA VAL A 289 -12.30 -6.81 12.57
C VAL A 289 -13.39 -6.13 11.72
N LEU A 290 -13.00 -5.64 10.55
CA LEU A 290 -13.95 -4.97 9.65
C LEU A 290 -15.06 -5.91 9.22
N LYS A 291 -14.72 -7.18 9.00
CA LYS A 291 -15.70 -8.16 8.59
C LYS A 291 -16.69 -8.42 9.72
N THR A 292 -16.16 -8.68 10.91
CA THR A 292 -17.00 -9.04 12.04
C THR A 292 -17.88 -7.88 12.49
N PHE A 293 -17.32 -6.68 12.57
CA PHE A 293 -18.01 -5.58 13.23
C PHE A 293 -18.76 -4.66 12.28
N CYS A 294 -18.34 -4.63 11.01
CA CYS A 294 -18.91 -3.71 10.02
C CYS A 294 -19.45 -4.47 8.79
N ASP A 295 -19.37 -5.80 8.82
CA ASP A 295 -19.88 -6.62 7.74
C ASP A 295 -19.20 -6.22 6.42
N ILE A 296 -17.87 -6.16 6.48
CA ILE A 296 -17.01 -5.76 5.36
C ILE A 296 -17.19 -4.27 5.07
N ASN B 26 19.05 16.29 -28.98
CA ASN B 26 19.75 17.31 -28.19
C ASN B 26 19.59 17.10 -26.68
N ASP B 27 18.72 16.17 -26.29
CA ASP B 27 18.55 15.79 -24.89
C ASP B 27 19.11 14.40 -24.65
N GLU B 28 19.73 14.17 -23.51
CA GLU B 28 20.25 12.83 -23.23
C GLU B 28 19.14 11.93 -22.70
N ILE B 29 19.20 10.66 -23.09
CA ILE B 29 18.17 9.71 -22.70
C ILE B 29 18.64 8.93 -21.50
N LYS B 30 17.94 9.10 -20.40
CA LYS B 30 18.31 8.49 -19.13
C LYS B 30 17.53 7.22 -18.86
N ILE B 31 16.41 7.05 -19.57
CA ILE B 31 15.53 5.93 -19.31
C ILE B 31 14.68 5.56 -20.53
N ILE B 32 14.39 4.27 -20.65
CA ILE B 32 13.64 3.74 -21.79
C ILE B 32 12.45 2.93 -21.30
N PHE B 33 11.32 3.19 -21.94
CA PHE B 33 10.09 2.44 -21.70
C PHE B 33 9.70 1.70 -22.97
N THR B 34 9.41 0.41 -22.84
CA THR B 34 9.14 -0.38 -24.03
C THR B 34 7.99 -1.35 -23.81
N ALA B 35 7.15 -1.48 -24.84
CA ALA B 35 6.13 -2.52 -24.84
C ALA B 35 6.81 -3.86 -24.94
N LEU B 36 6.08 -4.92 -24.61
CA LEU B 36 6.65 -6.26 -24.63
C LEU B 36 6.31 -6.92 -25.95
N ASP B 37 5.09 -7.44 -26.05
CA ASP B 37 4.65 -8.07 -27.29
C ASP B 37 4.75 -7.07 -28.44
N GLY B 38 5.24 -7.52 -29.58
CA GLY B 38 5.30 -6.69 -30.78
C GLY B 38 6.38 -5.62 -30.82
N THR B 39 7.18 -5.53 -29.76
CA THR B 39 8.22 -4.51 -29.67
C THR B 39 9.53 -5.14 -29.19
N LEU B 40 9.57 -5.53 -27.92
CA LEU B 40 10.75 -6.19 -27.37
C LEU B 40 10.80 -7.65 -27.81
N LEU B 41 9.66 -8.32 -27.69
CA LEU B 41 9.52 -9.67 -28.20
C LEU B 41 9.43 -9.68 -29.71
N ASN B 42 10.17 -10.58 -30.34
CA ASN B 42 10.07 -10.76 -31.77
C ASN B 42 8.76 -11.48 -32.10
N SER B 43 8.54 -11.76 -33.37
CA SER B 43 7.31 -12.38 -33.84
C SER B 43 7.13 -13.77 -33.25
N GLU B 44 8.21 -14.34 -32.74
CA GLU B 44 8.16 -15.65 -32.09
C GLU B 44 8.01 -15.55 -30.57
N ASN B 45 7.65 -14.37 -30.08
CA ASN B 45 7.47 -14.12 -28.64
C ASN B 45 8.72 -14.42 -27.82
N LYS B 46 9.87 -14.05 -28.38
CA LYS B 46 11.15 -14.26 -27.73
C LYS B 46 11.96 -12.97 -27.78
N VAL B 47 12.93 -12.85 -26.88
CA VAL B 47 13.87 -11.74 -26.89
C VAL B 47 15.15 -12.18 -27.56
N SER B 48 15.53 -11.50 -28.63
CA SER B 48 16.73 -11.88 -29.38
C SER B 48 17.96 -11.75 -28.50
N GLU B 49 18.98 -12.56 -28.80
CA GLU B 49 20.24 -12.49 -28.09
C GLU B 49 20.84 -11.10 -28.25
N GLN B 50 20.74 -10.53 -29.45
CA GLN B 50 21.25 -9.20 -29.69
C GLN B 50 20.50 -8.18 -28.81
N ASN B 51 19.20 -8.39 -28.60
CA ASN B 51 18.48 -7.50 -27.69
C ASN B 51 18.92 -7.73 -26.24
N LEU B 52 19.14 -9.00 -25.85
CA LEU B 52 19.55 -9.31 -24.48
C LEU B 52 20.93 -8.74 -24.17
N GLU B 53 21.86 -8.88 -25.11
CA GLU B 53 23.20 -8.31 -24.95
C GLU B 53 23.09 -6.79 -24.78
N SER B 54 22.17 -6.19 -25.52
CA SER B 54 21.97 -4.76 -25.47
C SER B 54 21.48 -4.32 -24.09
N LEU B 55 20.57 -5.11 -23.50
CA LEU B 55 19.99 -4.75 -22.21
C LEU B 55 21.02 -4.85 -21.09
N ILE B 56 21.95 -5.78 -21.21
CA ILE B 56 23.01 -5.92 -20.23
C ILE B 56 23.90 -4.69 -20.22
N ARG B 57 24.29 -4.24 -21.41
CA ARG B 57 25.11 -3.04 -21.53
C ARG B 57 24.37 -1.82 -20.97
N ALA B 58 23.11 -1.65 -21.36
CA ALA B 58 22.32 -0.52 -20.86
C ALA B 58 22.28 -0.53 -19.35
N GLN B 59 22.13 -1.72 -18.79
CA GLN B 59 22.06 -1.93 -17.35
C GLN B 59 23.39 -1.54 -16.70
N GLU B 60 24.49 -1.83 -17.38
CA GLU B 60 25.82 -1.50 -16.88
C GLU B 60 26.12 0.01 -16.97
N LYS B 61 25.53 0.68 -17.96
CA LYS B 61 25.69 2.13 -18.12
C LYS B 61 24.70 2.93 -17.28
N GLY B 62 23.86 2.21 -16.53
CA GLY B 62 22.87 2.85 -15.67
C GLY B 62 21.61 3.32 -16.36
N ILE B 63 21.37 2.84 -17.57
CA ILE B 63 20.14 3.18 -18.30
C ILE B 63 19.07 2.16 -17.98
N LYS B 64 18.00 2.61 -17.33
CA LYS B 64 16.89 1.73 -17.01
C LYS B 64 16.05 1.42 -18.23
N VAL B 65 15.74 0.15 -18.42
CA VAL B 65 14.77 -0.29 -19.42
C VAL B 65 13.55 -0.80 -18.67
N VAL B 66 12.41 -0.20 -18.96
CA VAL B 66 11.19 -0.42 -18.18
C VAL B 66 10.11 -1.01 -19.07
N ILE B 67 9.66 -2.21 -18.75
CA ILE B 67 8.56 -2.83 -19.49
C ILE B 67 7.28 -2.01 -19.27
N ALA B 68 6.57 -1.72 -20.35
CA ALA B 68 5.25 -1.11 -20.25
C ALA B 68 4.26 -1.93 -21.08
N THR B 69 3.41 -2.69 -20.39
CA THR B 69 2.62 -3.72 -21.02
C THR B 69 1.17 -3.75 -20.51
N GLY B 70 0.31 -4.33 -21.33
CA GLY B 70 -1.07 -4.60 -20.98
C GLY B 70 -1.18 -5.88 -20.20
N ARG B 71 -0.11 -6.67 -20.21
CA ARG B 71 -0.05 -7.88 -19.38
C ARG B 71 0.06 -7.53 -17.91
N SER B 72 -0.34 -8.46 -17.05
CA SER B 72 0.00 -8.36 -15.64
C SER B 72 1.45 -8.79 -15.42
N ILE B 73 2.00 -8.47 -14.27
CA ILE B 73 3.39 -8.83 -14.02
C ILE B 73 3.54 -10.36 -14.03
N PHE B 74 2.48 -11.07 -13.64
CA PHE B 74 2.52 -12.53 -13.61
C PHE B 74 2.47 -13.11 -15.02
N SER B 75 1.78 -12.43 -15.92
CA SER B 75 1.74 -12.87 -17.31
C SER B 75 3.09 -12.59 -18.01
N VAL B 76 3.76 -11.52 -17.62
CA VAL B 76 5.08 -11.20 -18.15
C VAL B 76 6.09 -12.26 -17.72
N GLU B 77 6.04 -12.64 -16.45
CA GLU B 77 6.91 -13.69 -15.94
C GLU B 77 6.64 -15.02 -16.65
N ASN B 78 5.46 -15.15 -17.24
CA ASN B 78 5.08 -16.39 -17.91
C ASN B 78 5.66 -16.47 -19.32
N VAL B 79 5.95 -15.33 -19.92
CA VAL B 79 6.50 -15.32 -21.27
C VAL B 79 8.02 -15.01 -21.32
N ILE B 80 8.56 -14.27 -20.35
CA ILE B 80 10.00 -14.02 -20.34
C ILE B 80 10.63 -14.39 -19.01
N GLY B 81 10.07 -15.38 -18.34
CA GLY B 81 10.51 -15.76 -17.00
C GLY B 81 11.97 -16.14 -16.91
N GLU B 82 12.45 -16.88 -17.91
CA GLU B 82 13.85 -17.29 -17.96
C GLU B 82 14.80 -16.10 -17.85
N HIS B 83 14.41 -14.99 -18.48
CA HIS B 83 15.25 -13.80 -18.44
C HIS B 83 15.13 -13.09 -17.11
N VAL B 84 13.96 -13.19 -16.47
CA VAL B 84 13.80 -12.57 -15.16
C VAL B 84 14.59 -13.38 -14.13
N LYS B 85 14.43 -14.70 -14.15
CA LYS B 85 15.17 -15.58 -13.23
C LYS B 85 16.67 -15.37 -13.34
N LYS B 86 17.15 -15.15 -14.57
CA LYS B 86 18.57 -14.95 -14.83
C LYS B 86 19.00 -13.49 -14.71
N ASN B 87 18.10 -12.64 -14.19
CA ASN B 87 18.38 -11.23 -13.94
C ASN B 87 18.90 -10.47 -15.16
N ARG B 88 18.36 -10.81 -16.32
CA ARG B 88 18.71 -10.13 -17.57
C ARG B 88 17.66 -9.08 -17.92
N ILE B 89 16.44 -9.27 -17.42
CA ILE B 89 15.36 -8.30 -17.60
C ILE B 89 14.67 -8.02 -16.28
N SER B 90 14.64 -6.74 -15.92
CA SER B 90 14.10 -6.31 -14.65
C SER B 90 12.61 -5.99 -14.80
N LEU B 91 11.78 -6.52 -13.90
CA LEU B 91 10.34 -6.27 -13.92
C LEU B 91 9.96 -5.10 -13.02
N LEU B 92 10.89 -4.73 -12.14
CA LEU B 92 10.68 -3.64 -11.19
C LEU B 92 11.80 -2.61 -11.35
N PRO B 93 11.44 -1.36 -11.68
CA PRO B 93 10.10 -0.83 -11.91
C PRO B 93 9.50 -1.34 -13.21
N GLY B 94 8.19 -1.21 -13.33
CA GLY B 94 7.50 -1.71 -14.51
C GLY B 94 6.07 -1.23 -14.52
N ILE B 95 5.51 -1.17 -15.72
CA ILE B 95 4.17 -0.67 -15.96
C ILE B 95 3.35 -1.83 -16.52
N TYR B 96 2.30 -2.21 -15.80
CA TYR B 96 1.51 -3.41 -16.10
C TYR B 96 0.03 -3.09 -16.19
N MET B 97 -0.72 -4.00 -16.82
CA MET B 97 -2.15 -3.78 -17.12
C MET B 97 -2.43 -2.36 -17.61
N ASN B 98 -1.63 -1.96 -18.59
CA ASN B 98 -1.72 -0.65 -19.23
C ASN B 98 -1.66 0.53 -18.27
N GLY B 99 -0.89 0.39 -17.19
CA GLY B 99 -0.67 1.48 -16.26
C GLY B 99 -1.46 1.36 -14.97
N CYS B 100 -2.47 0.47 -14.94
CA CYS B 100 -3.31 0.29 -13.77
C CYS B 100 -2.52 -0.17 -12.56
N VAL B 101 -1.49 -0.97 -12.81
CA VAL B 101 -0.55 -1.41 -11.80
C VAL B 101 0.87 -1.02 -12.24
N THR B 102 1.43 0.00 -11.57
CA THR B 102 2.81 0.44 -11.84
C THR B 102 3.63 0.29 -10.56
N PHE B 103 4.72 -0.47 -10.66
CA PHE B 103 5.65 -0.69 -9.56
C PHE B 103 6.87 0.22 -9.66
N ASP B 104 7.34 0.71 -8.52
CA ASP B 104 8.64 1.35 -8.50
C ASP B 104 9.68 0.26 -8.33
N GLU B 105 10.94 0.66 -8.26
CA GLU B 105 12.04 -0.30 -8.17
C GLU B 105 11.91 -1.24 -6.97
N LYS B 106 11.26 -0.77 -5.91
CA LYS B 106 11.20 -1.55 -4.65
C LYS B 106 9.98 -2.45 -4.56
N GLY B 107 9.08 -2.37 -5.55
CA GLY B 107 7.90 -3.21 -5.57
C GLY B 107 6.66 -2.54 -5.05
N SER B 108 6.76 -1.26 -4.75
CA SER B 108 5.62 -0.49 -4.27
C SER B 108 4.76 -0.15 -5.47
N ARG B 109 3.44 -0.31 -5.35
CA ARG B 109 2.54 0.01 -6.45
C ARG B 109 2.21 1.49 -6.45
N VAL B 110 3.07 2.28 -7.11
CA VAL B 110 2.91 3.72 -7.18
C VAL B 110 1.67 4.08 -7.97
N ILE B 111 1.26 3.21 -8.90
CA ILE B 111 -0.10 3.26 -9.42
C ILE B 111 -0.77 1.94 -9.10
N ASP B 112 -1.98 2.03 -8.56
CA ASP B 112 -2.69 0.87 -8.07
C ASP B 112 -4.21 1.12 -8.21
N ARG B 113 -4.69 1.11 -9.45
CA ARG B 113 -6.05 1.56 -9.74
C ARG B 113 -7.08 0.46 -9.51
N ILE B 114 -7.21 0.06 -8.26
CA ILE B 114 -8.19 -0.94 -7.86
C ILE B 114 -9.57 -0.39 -8.21
N MET B 115 -10.44 -1.25 -8.70
CA MET B 115 -11.78 -0.79 -9.08
C MET B 115 -12.65 -0.66 -7.83
N ASN B 116 -13.36 0.46 -7.71
CA ASN B 116 -14.36 0.65 -6.66
C ASN B 116 -15.26 -0.58 -6.58
N ASN B 117 -15.45 -1.14 -5.39
CA ASN B 117 -16.13 -2.43 -5.28
C ASN B 117 -17.63 -2.39 -5.57
N ASP B 118 -18.28 -1.25 -5.33
CA ASP B 118 -19.66 -1.07 -5.74
C ASP B 118 -19.78 -1.00 -7.29
N LEU B 119 -18.86 -0.31 -7.94
CA LEU B 119 -18.83 -0.28 -9.40
C LEU B 119 -18.61 -1.67 -9.94
N LYS B 120 -17.70 -2.42 -9.31
CA LYS B 120 -17.43 -3.79 -9.70
C LYS B 120 -18.71 -4.61 -9.69
N MET B 121 -19.49 -4.49 -8.61
CA MET B 121 -20.71 -5.28 -8.51
C MET B 121 -21.80 -4.75 -9.44
N GLU B 122 -21.83 -3.44 -9.69
CA GLU B 122 -22.75 -2.91 -10.68
C GLU B 122 -22.45 -3.47 -12.06
N ILE B 123 -21.18 -3.49 -12.45
CA ILE B 123 -20.76 -4.06 -13.73
C ILE B 123 -21.15 -5.53 -13.82
N HIS B 124 -20.88 -6.25 -12.74
CA HIS B 124 -21.17 -7.66 -12.69
C HIS B 124 -22.65 -7.94 -12.92
N GLU B 125 -23.50 -7.17 -12.26
CA GLU B 125 -24.94 -7.45 -12.32
C GLU B 125 -25.47 -7.10 -13.69
N PHE B 126 -24.98 -6.00 -14.23
CA PHE B 126 -25.27 -5.60 -15.59
C PHE B 126 -24.88 -6.72 -16.55
N SER B 127 -23.67 -7.28 -16.38
CA SER B 127 -23.17 -8.32 -17.29
C SER B 127 -24.05 -9.56 -17.26
N LYS B 128 -24.65 -9.85 -16.12
CA LYS B 128 -25.60 -10.96 -16.02
C LYS B 128 -26.90 -10.62 -16.75
N GLN B 129 -27.38 -9.39 -16.57
CA GLN B 129 -28.63 -8.94 -17.18
C GLN B 129 -28.60 -9.02 -18.71
N ILE B 130 -27.48 -8.65 -19.31
CA ILE B 130 -27.33 -8.71 -20.76
C ILE B 130 -26.47 -9.90 -21.19
N ASN B 131 -26.40 -10.92 -20.33
CA ASN B 131 -25.91 -12.24 -20.71
C ASN B 131 -24.52 -12.23 -21.33
N ILE B 132 -23.59 -11.53 -20.69
CA ILE B 132 -22.19 -11.58 -21.09
C ILE B 132 -21.28 -12.00 -19.92
N SER B 133 -21.86 -12.21 -18.74
CA SER B 133 -21.07 -12.63 -17.57
CA SER B 133 -21.07 -12.63 -17.57
C SER B 133 -20.36 -13.92 -17.91
N LYS B 134 -20.99 -14.69 -18.76
CA LYS B 134 -20.50 -15.92 -19.34
C LYS B 134 -19.14 -15.74 -20.02
N TYR B 135 -18.84 -14.52 -20.45
CA TYR B 135 -17.64 -14.21 -21.23
C TYR B 135 -16.65 -13.34 -20.48
N ALA B 136 -16.89 -13.20 -19.18
CA ALA B 136 -16.10 -12.32 -18.33
C ALA B 136 -14.82 -12.96 -17.84
N ILE B 137 -13.75 -12.19 -17.90
CA ILE B 137 -12.49 -12.49 -17.23
C ILE B 137 -12.17 -11.31 -16.33
N TRP B 138 -12.22 -11.54 -15.02
CA TRP B 138 -11.92 -10.54 -14.01
C TRP B 138 -10.46 -10.63 -13.57
N PHE B 139 -9.78 -9.49 -13.55
CA PHE B 139 -8.36 -9.41 -13.25
C PHE B 139 -8.08 -8.89 -11.87
N CYS B 140 -7.44 -9.71 -11.05
CA CYS B 140 -6.94 -9.28 -9.75
C CYS B 140 -5.45 -8.96 -9.83
N LEU B 141 -4.83 -8.66 -8.70
CA LEU B 141 -3.41 -8.31 -8.69
C LEU B 141 -2.56 -9.41 -9.31
N GLU B 142 -2.86 -10.65 -8.93
CA GLU B 142 -2.09 -11.81 -9.35
C GLU B 142 -2.92 -12.75 -10.23
N LYS B 143 -4.08 -13.15 -9.75
CA LYS B 143 -4.89 -14.16 -10.43
C LYS B 143 -5.93 -13.52 -11.34
N THR B 144 -6.47 -14.33 -12.24
CA THR B 144 -7.64 -13.95 -13.03
C THR B 144 -8.72 -14.97 -12.80
N TYR B 145 -9.96 -14.57 -13.03
CA TYR B 145 -11.11 -15.40 -12.72
C TYR B 145 -12.20 -15.30 -13.78
N CYS B 146 -12.91 -16.41 -13.94
CA CYS B 146 -14.05 -16.48 -14.83
C CYS B 146 -15.08 -17.38 -14.17
N PHE B 147 -16.28 -17.43 -14.75
CA PHE B 147 -17.38 -18.17 -14.15
C PHE B 147 -17.64 -19.47 -14.91
N GLU B 148 -17.09 -19.58 -16.11
CA GLU B 148 -17.17 -20.82 -16.86
C GLU B 148 -16.13 -20.82 -17.97
N ILE B 149 -16.00 -21.98 -18.62
CA ILE B 149 -15.09 -22.14 -19.75
C ILE B 149 -15.90 -22.43 -21.00
N ASN B 150 -15.82 -21.54 -21.98
CA ASN B 150 -16.42 -21.78 -23.29
C ASN B 150 -15.41 -21.45 -24.38
N ASP B 151 -15.83 -21.52 -25.62
CA ASP B 151 -14.90 -21.34 -26.73
C ASP B 151 -14.38 -19.90 -26.77
N CYS B 152 -15.24 -18.94 -26.47
CA CYS B 152 -14.84 -17.54 -26.48
C CYS B 152 -13.79 -17.25 -25.39
N ILE B 153 -14.00 -17.78 -24.19
CA ILE B 153 -13.03 -17.59 -23.14
C ILE B 153 -11.77 -18.35 -23.52
N ARG B 154 -11.95 -19.58 -24.03
CA ARG B 154 -10.84 -20.39 -24.51
C ARG B 154 -10.00 -19.63 -25.54
N GLU B 155 -10.68 -18.88 -26.40
CA GLU B 155 -10.01 -18.11 -27.44
C GLU B 155 -9.09 -17.07 -26.82
N TYR B 156 -9.47 -16.55 -25.65
CA TYR B 156 -8.66 -15.51 -25.02
C TYR B 156 -7.51 -16.10 -24.19
N MET B 157 -7.70 -17.29 -23.64
CA MET B 157 -6.64 -17.94 -22.86
C MET B 157 -5.74 -18.76 -23.77
N GLU B 158 -5.54 -18.26 -24.99
CA GLU B 158 -4.57 -18.82 -25.92
C GLU B 158 -3.64 -17.70 -26.37
N VAL B 159 -4.21 -16.55 -26.70
CA VAL B 159 -3.41 -15.39 -27.10
C VAL B 159 -2.52 -14.96 -25.95
N GLU B 160 -2.97 -15.25 -24.73
CA GLU B 160 -2.21 -14.99 -23.52
C GLU B 160 -2.44 -16.15 -22.56
N ALA B 161 -1.38 -16.82 -22.15
CA ALA B 161 -1.50 -18.06 -21.38
C ALA B 161 -1.98 -17.81 -19.95
N LEU B 162 -3.26 -17.45 -19.81
CA LEU B 162 -3.87 -17.30 -18.49
C LEU B 162 -4.46 -18.62 -18.02
N ASN B 163 -4.46 -18.81 -16.72
CA ASN B 163 -5.14 -19.95 -16.09
C ASN B 163 -6.25 -19.43 -15.19
N PRO B 164 -7.26 -18.78 -15.79
CA PRO B 164 -8.32 -18.20 -14.97
C PRO B 164 -9.02 -19.25 -14.14
N ASP B 165 -9.09 -19.03 -12.84
CA ASP B 165 -9.82 -19.94 -11.97
C ASP B 165 -11.31 -19.78 -12.21
N VAL B 166 -11.99 -20.90 -12.41
CA VAL B 166 -13.45 -20.91 -12.51
C VAL B 166 -14.03 -20.81 -11.13
N ILE B 167 -14.75 -19.73 -10.86
CA ILE B 167 -15.33 -19.49 -9.55
C ILE B 167 -16.84 -19.35 -9.64
N GLU B 168 -17.51 -19.46 -8.50
CA GLU B 168 -18.94 -19.26 -8.42
C GLU B 168 -19.26 -17.77 -8.48
N ASP B 169 -20.48 -17.46 -8.92
CA ASP B 169 -20.94 -16.09 -9.03
C ASP B 169 -20.76 -15.28 -7.74
N ASN B 170 -21.08 -15.89 -6.60
CA ASN B 170 -21.08 -15.17 -5.33
C ASN B 170 -19.68 -14.85 -4.81
N MET B 171 -18.65 -15.24 -5.55
CA MET B 171 -17.26 -15.04 -5.11
C MET B 171 -16.66 -13.72 -5.61
N LEU B 172 -17.28 -13.07 -6.57
CA LEU B 172 -16.74 -11.81 -7.07
C LEU B 172 -16.75 -10.73 -5.98
N GLU B 173 -17.80 -10.73 -5.16
CA GLU B 173 -17.98 -9.69 -4.15
C GLU B 173 -16.73 -9.58 -3.26
N GLY B 174 -16.14 -10.73 -2.95
CA GLY B 174 -14.98 -10.79 -2.07
C GLY B 174 -13.65 -10.50 -2.77
N LEU B 175 -13.66 -10.41 -4.10
CA LEU B 175 -12.45 -10.09 -4.85
C LEU B 175 -12.19 -8.60 -5.03
N THR B 176 -10.92 -8.23 -4.95
CA THR B 176 -10.45 -6.91 -5.30
C THR B 176 -9.89 -6.96 -6.73
N VAL B 177 -10.47 -6.19 -7.63
CA VAL B 177 -10.16 -6.30 -9.06
C VAL B 177 -9.69 -4.99 -9.64
N TYR B 178 -9.05 -5.07 -10.81
CA TYR B 178 -8.55 -3.89 -11.51
C TYR B 178 -9.34 -3.63 -12.78
N LYS B 179 -9.82 -4.70 -13.41
CA LYS B 179 -10.53 -4.61 -14.67
C LYS B 179 -11.27 -5.91 -14.99
N VAL B 180 -12.19 -5.81 -15.94
CA VAL B 180 -12.86 -6.98 -16.49
C VAL B 180 -12.71 -6.92 -18.01
N LEU B 181 -12.52 -8.09 -18.59
CA LEU B 181 -12.46 -8.25 -20.03
C LEU B 181 -13.53 -9.24 -20.44
N PHE B 182 -14.41 -8.82 -21.34
CA PHE B 182 -15.38 -9.70 -21.93
C PHE B 182 -14.91 -10.14 -23.31
N SER B 183 -14.56 -11.42 -23.42
CA SER B 183 -14.23 -12.01 -24.71
CA SER B 183 -14.23 -12.01 -24.71
C SER B 183 -15.52 -12.42 -25.41
N LEU B 184 -16.08 -11.49 -26.19
CA LEU B 184 -17.42 -11.66 -26.73
C LEU B 184 -17.45 -12.39 -28.05
N PRO B 185 -18.58 -13.08 -28.32
CA PRO B 185 -18.84 -13.49 -29.70
C PRO B 185 -19.00 -12.27 -30.57
N GLU B 186 -18.56 -12.35 -31.81
CA GLU B 186 -18.66 -11.24 -32.72
C GLU B 186 -20.08 -10.71 -32.87
N ASN B 187 -21.09 -11.59 -32.83
CA ASN B 187 -22.43 -11.15 -33.19
C ASN B 187 -23.19 -10.38 -32.08
N ILE B 188 -22.56 -10.17 -30.93
CA ILE B 188 -23.16 -9.33 -29.89
C ILE B 188 -22.23 -8.19 -29.48
N LEU B 189 -21.13 -8.04 -30.20
CA LEU B 189 -20.15 -7.01 -29.87
C LEU B 189 -20.72 -5.61 -29.93
N GLU B 190 -21.35 -5.27 -31.04
CA GLU B 190 -21.86 -3.92 -31.25
C GLU B 190 -22.91 -3.54 -30.21
N ASN B 191 -23.84 -4.44 -29.93
CA ASN B 191 -24.86 -4.13 -28.94
C ASN B 191 -24.27 -4.02 -27.52
N THR B 192 -23.36 -4.92 -27.19
CA THR B 192 -22.79 -4.97 -25.87
C THR B 192 -21.99 -3.71 -25.61
N LEU B 193 -21.20 -3.32 -26.60
CA LEU B 193 -20.33 -2.16 -26.48
C LEU B 193 -21.18 -0.91 -26.34
N LYS B 194 -22.24 -0.84 -27.14
CA LYS B 194 -23.20 0.26 -27.02
C LYS B 194 -23.78 0.35 -25.61
N LEU B 195 -24.28 -0.75 -25.06
CA LEU B 195 -24.94 -0.65 -23.75
C LEU B 195 -23.94 -0.35 -22.64
N CYS B 196 -22.76 -0.96 -22.69
CA CYS B 196 -21.72 -0.70 -21.70
C CYS B 196 -21.32 0.78 -21.67
N ARG B 197 -21.15 1.38 -22.84
CA ARG B 197 -20.74 2.78 -22.92
C ARG B 197 -21.86 3.69 -22.45
N GLU B 198 -23.09 3.41 -22.86
CA GLU B 198 -24.20 4.25 -22.45
C GLU B 198 -24.39 4.22 -20.94
N LYS B 199 -24.05 3.09 -20.33
CA LYS B 199 -24.26 2.93 -18.89
C LYS B 199 -23.06 3.36 -18.05
N PHE B 200 -21.85 3.13 -18.54
CA PHE B 200 -20.67 3.27 -17.67
C PHE B 200 -19.55 4.20 -18.16
N SER B 201 -19.64 4.73 -19.38
CA SER B 201 -18.47 5.39 -19.96
C SER B 201 -18.13 6.68 -19.22
N HIS B 202 -19.06 7.19 -18.43
CA HIS B 202 -18.78 8.38 -17.65
C HIS B 202 -18.08 8.03 -16.34
N ARG B 203 -17.91 6.74 -16.05
CA ARG B 203 -17.36 6.29 -14.78
C ARG B 203 -16.09 5.46 -14.94
N ILE B 204 -16.00 4.81 -16.09
CA ILE B 204 -14.84 3.98 -16.41
CA ILE B 204 -14.89 3.94 -16.40
C ILE B 204 -14.63 3.99 -17.91
N ASN B 205 -13.44 3.60 -18.33
CA ASN B 205 -13.16 3.44 -19.73
C ASN B 205 -13.76 2.14 -20.22
N VAL B 206 -14.50 2.22 -21.31
CA VAL B 206 -15.05 1.06 -21.98
C VAL B 206 -14.37 0.94 -23.33
N ALA B 207 -13.39 0.06 -23.44
CA ALA B 207 -12.57 -0.04 -24.64
C ALA B 207 -12.78 -1.34 -25.43
N ASN B 208 -12.80 -1.20 -26.75
CA ASN B 208 -12.74 -2.34 -27.67
C ASN B 208 -11.62 -2.07 -28.68
N THR B 209 -10.42 -2.52 -28.35
CA THR B 209 -9.25 -2.20 -29.14
C THR B 209 -8.85 -3.34 -30.06
N PHE B 210 -9.12 -4.58 -29.64
CA PHE B 210 -8.75 -5.76 -30.40
C PHE B 210 -9.91 -6.73 -30.57
N GLN B 211 -10.24 -7.04 -31.82
CA GLN B 211 -11.29 -8.01 -32.13
C GLN B 211 -12.60 -7.63 -31.40
N SER B 212 -13.19 -8.57 -30.66
CA SER B 212 -14.43 -8.33 -29.94
CA SER B 212 -14.44 -8.34 -29.94
C SER B 212 -14.22 -8.37 -28.43
N TYR B 213 -12.98 -8.11 -28.01
CA TYR B 213 -12.65 -8.04 -26.60
C TYR B 213 -13.13 -6.70 -26.09
N VAL B 214 -13.98 -6.71 -25.06
CA VAL B 214 -14.44 -5.48 -24.45
C VAL B 214 -13.83 -5.39 -23.06
N GLU B 215 -13.08 -4.31 -22.83
CA GLU B 215 -12.36 -4.09 -21.60
C GLU B 215 -12.93 -2.92 -20.83
N LEU B 216 -13.24 -3.14 -19.57
CA LEU B 216 -13.64 -2.07 -18.66
C LEU B 216 -12.51 -1.85 -17.65
N PHE B 217 -11.88 -0.69 -17.71
CA PHE B 217 -10.74 -0.38 -16.84
C PHE B 217 -10.76 1.09 -16.44
N HIS B 218 -10.07 1.39 -15.34
CA HIS B 218 -10.12 2.69 -14.71
C HIS B 218 -9.98 3.83 -15.70
N GLN B 219 -10.80 4.85 -15.53
CA GLN B 219 -10.67 6.06 -16.31
C GLN B 219 -9.29 6.71 -16.07
N HIS B 220 -8.79 7.42 -17.06
CA HIS B 220 -7.55 8.16 -16.91
C HIS B 220 -6.39 7.25 -16.48
N THR B 221 -6.32 6.06 -17.07
CA THR B 221 -5.19 5.17 -16.88
C THR B 221 -4.68 4.66 -18.21
N ASN B 222 -3.37 4.76 -18.38
CA ASN B 222 -2.70 4.32 -19.58
C ASN B 222 -1.21 4.24 -19.26
N LYS B 223 -0.44 3.70 -20.20
CA LYS B 223 0.97 3.47 -19.99
C LYS B 223 1.70 4.76 -19.67
N PHE B 224 1.25 5.85 -20.25
CA PHE B 224 1.93 7.12 -20.09
C PHE B 224 1.84 7.61 -18.67
N GLU B 225 0.78 7.23 -17.97
CA GLU B 225 0.66 7.56 -16.56
C GLU B 225 1.76 6.83 -15.79
N GLY B 226 1.98 5.56 -16.13
CA GLY B 226 3.07 4.82 -15.51
C GLY B 226 4.42 5.46 -15.81
N VAL B 227 4.60 5.92 -17.03
CA VAL B 227 5.84 6.58 -17.42
C VAL B 227 6.10 7.80 -16.53
N LYS B 228 5.09 8.63 -16.37
CA LYS B 228 5.23 9.83 -15.56
C LYS B 228 5.58 9.50 -14.10
N GLU B 229 4.93 8.50 -13.52
CA GLU B 229 5.21 8.14 -12.13
C GLU B 229 6.63 7.62 -11.97
N ILE B 230 7.08 6.81 -12.91
CA ILE B 230 8.41 6.21 -12.81
C ILE B 230 9.47 7.26 -13.03
N CYS B 231 9.23 8.17 -13.97
CA CYS B 231 10.18 9.27 -14.20
C CYS B 231 10.26 10.16 -12.95
N LYS B 232 9.12 10.39 -12.30
CA LYS B 232 9.10 11.18 -11.06
C LYS B 232 9.89 10.49 -9.95
N TYR B 233 9.74 9.16 -9.86
CA TYR B 233 10.45 8.37 -8.87
C TYR B 233 11.96 8.62 -8.95
N TYR B 234 12.49 8.68 -10.17
CA TYR B 234 13.93 8.85 -10.38
C TYR B 234 14.32 10.31 -10.58
N ASN B 235 13.33 11.21 -10.50
CA ASN B 235 13.54 12.62 -10.78
C ASN B 235 14.15 12.82 -12.17
N ILE B 236 13.59 12.11 -13.15
CA ILE B 236 13.97 12.27 -14.54
C ILE B 236 12.92 13.08 -15.26
N SER B 237 13.35 14.12 -15.95
CA SER B 237 12.47 14.92 -16.77
C SER B 237 11.98 14.11 -17.98
N LEU B 238 10.75 14.36 -18.43
CA LEU B 238 10.20 13.59 -19.54
C LEU B 238 11.01 13.76 -20.81
N ASN B 239 11.64 14.92 -20.97
CA ASN B 239 12.50 15.15 -22.12
C ASN B 239 13.69 14.20 -22.11
N ASN B 240 14.04 13.68 -20.94
CA ASN B 240 15.14 12.73 -20.83
C ASN B 240 14.65 11.27 -20.85
N ALA B 241 13.40 11.08 -21.28
CA ALA B 241 12.80 9.75 -21.35
C ALA B 241 12.52 9.39 -22.81
N LEU B 242 12.47 8.09 -23.09
CA LEU B 242 12.09 7.59 -24.40
C LEU B 242 11.15 6.42 -24.25
N ALA B 243 10.09 6.40 -25.07
CA ALA B 243 9.16 5.27 -25.15
C ALA B 243 9.21 4.64 -26.54
N MET B 244 8.95 3.35 -26.61
CA MET B 244 8.89 2.64 -27.88
C MET B 244 7.87 1.54 -27.78
N GLY B 245 7.11 1.34 -28.85
CA GLY B 245 5.97 0.45 -28.80
C GLY B 245 5.39 0.17 -30.16
N ASP B 246 4.33 -0.62 -30.20
CA ASP B 246 3.75 -1.07 -31.46
C ASP B 246 2.22 -1.02 -31.50
N GLY B 247 1.58 -0.98 -30.33
CA GLY B 247 0.15 -1.18 -30.24
C GLY B 247 -0.65 0.06 -29.90
N GLU B 248 -1.97 -0.09 -30.01
CA GLU B 248 -2.91 0.97 -29.67
C GLU B 248 -2.66 1.48 -28.25
N ASN B 249 -2.30 0.58 -27.35
CA ASN B 249 -2.10 0.93 -25.95
C ASN B 249 -0.80 1.69 -25.69
N ASP B 250 -0.01 1.93 -26.75
CA ASP B 250 1.23 2.69 -26.64
C ASP B 250 1.08 4.14 -27.11
N ILE B 251 -0.07 4.45 -27.71
CA ILE B 251 -0.26 5.73 -28.38
C ILE B 251 -0.01 6.92 -27.43
N GLU B 252 -0.56 6.85 -26.22
CA GLU B 252 -0.41 7.94 -25.27
C GLU B 252 1.06 8.17 -24.86
N MET B 253 1.80 7.10 -24.57
CA MET B 253 3.17 7.31 -24.14
C MET B 253 4.02 7.69 -25.34
N LEU B 254 3.69 7.17 -26.52
CA LEU B 254 4.42 7.57 -27.71
C LEU B 254 4.14 9.05 -28.04
N SER B 255 2.90 9.49 -27.87
CA SER B 255 2.54 10.89 -28.12
C SER B 255 3.04 11.79 -27.01
N GLY B 256 2.85 11.33 -25.78
CA GLY B 256 3.15 12.11 -24.59
C GLY B 256 4.61 12.50 -24.45
N LEU B 257 5.49 11.75 -25.09
CA LEU B 257 6.92 12.01 -24.99
C LEU B 257 7.44 12.68 -26.25
N THR B 258 8.40 13.58 -26.07
CA THR B 258 9.10 14.17 -27.19
C THR B 258 9.79 13.08 -28.00
N HIS B 259 10.54 12.24 -27.30
CA HIS B 259 11.31 11.18 -27.93
C HIS B 259 10.58 9.84 -27.83
N SER B 260 10.06 9.37 -28.95
CA SER B 260 9.36 8.10 -28.98
C SER B 260 9.56 7.41 -30.33
N VAL B 261 9.57 6.08 -30.29
CA VAL B 261 9.86 5.26 -31.46
C VAL B 261 8.71 4.28 -31.74
N GLY B 262 8.18 4.35 -32.95
CA GLY B 262 7.24 3.35 -33.43
C GLY B 262 7.95 2.27 -34.24
N VAL B 263 7.86 1.02 -33.80
CA VAL B 263 8.53 -0.07 -34.51
C VAL B 263 7.88 -0.27 -35.87
N HIS B 264 8.67 -0.72 -36.85
CA HIS B 264 8.19 -0.81 -38.22
C HIS B 264 6.95 -1.67 -38.38
N ASN B 265 6.87 -2.75 -37.61
CA ASN B 265 5.74 -3.69 -37.69
C ASN B 265 4.43 -3.13 -37.13
N ALA B 266 4.50 -1.92 -36.58
CA ALA B 266 3.33 -1.28 -35.97
C ALA B 266 2.39 -0.69 -37.03
N SER B 267 1.09 -0.68 -36.74
CA SER B 267 0.11 -0.12 -37.66
C SER B 267 0.42 1.34 -37.95
N GLU B 268 -0.14 1.86 -39.03
CA GLU B 268 0.12 3.23 -39.46
C GLU B 268 -0.38 4.20 -38.41
N LYS B 269 -1.50 3.87 -37.79
CA LYS B 269 -2.09 4.70 -36.75
C LYS B 269 -1.13 4.85 -35.57
N VAL B 270 -0.68 3.72 -35.03
CA VAL B 270 0.27 3.74 -33.92
C VAL B 270 1.57 4.41 -34.34
N LYS B 271 2.12 4.00 -35.47
CA LYS B 271 3.39 4.53 -35.95
C LYS B 271 3.35 6.05 -36.06
N ASN B 272 2.19 6.56 -36.47
CA ASN B 272 1.99 8.00 -36.64
C ASN B 272 2.03 8.76 -35.32
N SER B 273 1.58 8.12 -34.25
CA SER B 273 1.56 8.75 -32.94
C SER B 273 2.95 8.87 -32.32
N ALA B 274 3.96 8.30 -32.97
CA ALA B 274 5.33 8.34 -32.47
C ALA B 274 6.12 9.45 -33.14
N ALA B 275 7.19 9.90 -32.48
CA ALA B 275 8.08 10.93 -33.01
C ALA B 275 9.02 10.37 -34.07
N TYR B 276 9.45 9.13 -33.87
CA TYR B 276 10.35 8.47 -34.79
C TYR B 276 9.86 7.09 -35.15
N VAL B 277 10.33 6.60 -36.29
CA VAL B 277 10.07 5.23 -36.71
C VAL B 277 11.41 4.51 -36.74
N GLY B 278 11.39 3.24 -36.36
CA GLY B 278 12.60 2.45 -36.28
C GLY B 278 12.34 1.03 -36.74
N PRO B 279 13.33 0.14 -36.55
CA PRO B 279 13.25 -1.27 -36.97
C PRO B 279 12.06 -2.02 -36.37
N SER B 280 11.74 -3.18 -36.93
CA SER B 280 10.64 -3.98 -36.40
C SER B 280 11.10 -4.76 -35.17
N ASN B 281 10.16 -5.41 -34.50
CA ASN B 281 10.49 -6.21 -33.32
C ASN B 281 11.37 -7.40 -33.72
N ASN B 282 11.31 -7.76 -35.00
CA ASN B 282 12.15 -8.85 -35.51
C ASN B 282 13.54 -8.38 -35.89
N GLU B 283 13.82 -7.09 -35.70
CA GLU B 283 15.10 -6.51 -36.11
C GLU B 283 15.83 -5.93 -34.90
N HIS B 284 15.70 -6.59 -33.76
CA HIS B 284 16.38 -6.19 -32.52
C HIS B 284 16.15 -4.71 -32.23
N ALA B 285 14.89 -4.32 -32.15
CA ALA B 285 14.50 -2.92 -32.00
C ALA B 285 15.22 -2.16 -30.89
N ILE B 286 15.24 -2.70 -29.68
CA ILE B 286 15.76 -1.94 -28.54
C ILE B 286 17.29 -1.82 -28.62
N SER B 287 17.93 -2.80 -29.28
CA SER B 287 19.36 -2.71 -29.57
C SER B 287 19.67 -1.42 -30.31
N HIS B 288 18.90 -1.16 -31.36
CA HIS B 288 19.15 -0.01 -32.22
C HIS B 288 18.76 1.30 -31.53
N VAL B 289 17.72 1.25 -30.72
CA VAL B 289 17.32 2.44 -29.96
C VAL B 289 18.41 2.81 -28.96
N LEU B 290 18.89 1.85 -28.17
CA LEU B 290 19.96 2.10 -27.20
C LEU B 290 21.22 2.54 -27.92
N LYS B 291 21.45 1.95 -29.09
CA LYS B 291 22.59 2.29 -29.93
C LYS B 291 22.54 3.76 -30.31
N THR B 292 21.45 4.15 -30.94
CA THR B 292 21.26 5.51 -31.42
C THR B 292 21.20 6.52 -30.28
N PHE B 293 20.33 6.27 -29.30
CA PHE B 293 19.98 7.29 -28.32
C PHE B 293 20.86 7.32 -27.08
N CYS B 294 21.56 6.22 -26.80
CA CYS B 294 22.32 6.11 -25.55
C CYS B 294 23.77 5.65 -25.73
N ASP B 295 23.97 4.45 -26.26
CA ASP B 295 25.31 3.90 -26.45
C ASP B 295 26.10 4.76 -27.42
#